data_4V1D
#
_entry.id   4V1D
#
_cell.length_a   45.576
_cell.length_b   74.643
_cell.length_c   140.239
_cell.angle_alpha   90.00
_cell.angle_beta   90.00
_cell.angle_gamma   90.00
#
_symmetry.space_group_name_H-M   'P 2 21 21'
#
loop_
_entity.id
_entity.type
_entity.pdbx_description
1 polymer 'SINGLE CHAIN ANTIBODY FRAGMENT LR, HEAVY CHAIN'
2 polymer 'SINGLE CHAIN ANTIBODY FRAGMENT LR, LIGHT CHAIN'
3 polymer 'BETA-MAMMAL TOXIN CN2'
4 polymer 'SINGLE CHAIN ANTIBODY FRAGMENT RU1, HEAVY CHAIN'
5 polymer 'SINGLE CHAIN ANTIBODY FRAGMENT RU1, LIGHT CHAIN'
6 water water
#
loop_
_entity_poly.entity_id
_entity_poly.type
_entity_poly.pdbx_seq_one_letter_code
_entity_poly.pdbx_strand_id
1 'polypeptide(L)'
;EVQLVESGGGLVQPGGSLRLSCTGSGFTFDNYAMHWLRQVPGEGLEWVSGISRSSGDIDYADSVKGRFTISRDDAKKTLS
LQMNSLRAEDTAVYYCARGGFGSFDTWGQGTMVTVSS
;
A
2 'polypeptide(L)'
;GGGGSGGGGSGGGGSEIVLTQSPATLSVSPGERATLSCRASQSVRSYLAWYQQKPGQAPRLLFSDASNRATGIPARFTGS
GSGTDFTLTISSLEPEDFAIYYCQQYRYSPRTFGQGTKVEIKRAAAEQKLISEEDLNGAAHHHHHH
;
B
3 'polypeptide(L)' KEGYLVDKNTGCKYECLKLGDNDYCLRECKQQYGKGAGGYCYAFACWCTHLYEQAIVWPLPNKRCS C
4 'polypeptide(L)'
;QVNLRESGGGLVQPGGSLRLSCAASGFSFGSYGMHWVRQAPGKGLEWVAVISYGGGNKYYADSVKGRFTISRDNSKNTLY
LQMNSLRAEDTAVYYCAKDARDCLLCADWHFDLWGRGTLVTVSS
;
D
5 'polypeptide(L)'
;GGGGSGGGGSGGGGSNFMLTQPHSASGTPGQRVTISCSGSSSNIGSNTVNWYRHLPGSAPELLIGSHNQRPSGVPDRFSA
SKSDTSASLAISGLQSEDEADYYCAAWDDSLIGYVFGTGTKLTVLGAAAEQKLISEEDLNGAAHHHHHH
;
E
#
# COMPACT_ATOMS: atom_id res chain seq x y z
N GLU A 1 13.75 -14.55 10.52
CA GLU A 1 12.37 -15.01 10.46
C GLU A 1 11.45 -14.08 11.26
N VAL A 2 10.18 -14.05 10.87
CA VAL A 2 9.18 -13.22 11.52
C VAL A 2 8.91 -13.73 12.94
N GLN A 3 9.19 -12.90 13.94
CA GLN A 3 8.95 -13.32 15.33
C GLN A 3 8.17 -12.30 16.15
N LEU A 4 7.36 -12.84 17.06
CA LEU A 4 6.55 -12.06 17.97
C LEU A 4 6.83 -12.54 19.40
N VAL A 5 7.03 -11.61 20.33
CA VAL A 5 7.34 -12.01 21.69
C VAL A 5 6.43 -11.33 22.70
N GLU A 6 5.60 -12.14 23.35
CA GLU A 6 4.65 -11.64 24.35
C GLU A 6 5.31 -11.53 25.72
N SER A 7 4.82 -10.58 26.50
CA SER A 7 5.22 -10.41 27.88
C SER A 7 4.08 -9.76 28.68
N GLY A 8 4.22 -9.76 30.00
CA GLY A 8 3.28 -9.07 30.85
C GLY A 8 2.23 -9.98 31.46
N GLY A 9 2.32 -11.28 31.16
CA GLY A 9 1.38 -12.23 31.71
C GLY A 9 1.68 -12.47 33.17
N GLY A 10 0.86 -13.28 33.83
CA GLY A 10 1.07 -13.56 35.23
C GLY A 10 -0.22 -13.89 35.94
N LEU A 11 -0.19 -13.86 37.26
CA LEU A 11 -1.36 -14.20 38.07
C LEU A 11 -1.95 -12.95 38.70
N VAL A 12 -3.28 -12.83 38.65
CA VAL A 12 -3.99 -11.75 39.33
C VAL A 12 -5.30 -12.22 39.94
N GLN A 13 -5.81 -11.43 40.87
CA GLN A 13 -7.13 -11.68 41.42
C GLN A 13 -8.21 -11.11 40.51
N PRO A 14 -9.46 -11.60 40.64
CA PRO A 14 -10.62 -11.01 39.99
C PRO A 14 -10.77 -9.51 40.20
N GLY A 15 -11.13 -8.79 39.14
CA GLY A 15 -11.23 -7.35 39.19
C GLY A 15 -9.92 -6.65 38.90
N GLY A 16 -8.84 -7.43 38.88
CA GLY A 16 -7.54 -6.83 38.69
C GLY A 16 -7.32 -6.47 37.24
N SER A 17 -6.11 -5.98 36.96
CA SER A 17 -5.79 -5.50 35.62
C SER A 17 -4.36 -5.94 35.24
N LEU A 18 -4.13 -6.17 33.95
CA LEU A 18 -2.78 -6.47 33.46
C LEU A 18 -2.54 -5.79 32.14
N ARG A 19 -1.27 -5.49 31.83
N ARG A 19 -1.28 -5.47 31.83
CA ARG A 19 -0.93 -4.97 30.52
CA ARG A 19 -0.94 -4.96 30.51
C ARG A 19 0.03 -5.90 29.81
C ARG A 19 0.05 -5.85 29.77
N LEU A 20 -0.44 -6.48 28.71
CA LEU A 20 0.39 -7.33 27.85
C LEU A 20 1.07 -6.56 26.75
N SER A 21 2.28 -6.99 26.40
CA SER A 21 3.00 -6.40 25.29
C SER A 21 3.52 -7.47 24.36
N CYS A 22 3.62 -7.12 23.08
CA CYS A 22 4.16 -8.01 22.07
C CYS A 22 5.16 -7.23 21.23
N THR A 23 6.36 -7.77 21.08
CA THR A 23 7.36 -7.11 20.25
C THR A 23 7.62 -7.91 18.98
N GLY A 24 7.61 -7.21 17.84
CA GLY A 24 7.82 -7.86 16.57
C GLY A 24 9.20 -7.63 15.98
N SER A 25 9.68 -8.67 15.30
CA SER A 25 10.93 -8.64 14.55
C SER A 25 10.76 -9.40 13.25
N GLY A 26 11.58 -9.09 12.25
CA GLY A 26 11.58 -9.83 11.01
C GLY A 26 10.54 -9.35 10.00
N PHE A 27 9.92 -8.21 10.29
CA PHE A 27 8.97 -7.60 9.36
C PHE A 27 8.81 -6.12 9.69
N THR A 28 8.23 -5.36 8.77
CA THR A 28 8.01 -3.94 8.97
C THR A 28 6.73 -3.84 9.79
N PHE A 29 6.91 -3.70 11.11
CA PHE A 29 5.82 -3.73 12.07
C PHE A 29 4.66 -2.80 11.71
N ASP A 30 4.99 -1.57 11.31
CA ASP A 30 3.96 -0.58 11.03
C ASP A 30 3.18 -0.82 9.73
N ASN A 31 3.59 -1.80 8.92
CA ASN A 31 2.87 -2.11 7.68
C ASN A 31 1.75 -3.15 7.84
N TYR A 32 1.55 -3.65 9.06
CA TYR A 32 0.56 -4.69 9.29
C TYR A 32 -0.42 -4.37 10.40
N ALA A 33 -1.66 -4.83 10.22
CA ALA A 33 -2.63 -4.93 11.31
C ALA A 33 -2.16 -5.96 12.32
N MET A 34 -2.45 -5.72 13.59
CA MET A 34 -2.00 -6.60 14.66
C MET A 34 -3.16 -7.01 15.56
N HIS A 35 -3.07 -8.22 16.11
CA HIS A 35 -4.20 -8.78 16.86
C HIS A 35 -3.77 -9.47 18.15
N TRP A 36 -4.72 -9.60 19.06
CA TRP A 36 -4.63 -10.45 20.24
C TRP A 36 -5.68 -11.54 20.12
N LEU A 37 -5.26 -12.77 20.41
CA LEU A 37 -6.17 -13.91 20.50
C LEU A 37 -5.89 -14.66 21.79
N ARG A 38 -6.75 -15.60 22.15
CA ARG A 38 -6.52 -16.37 23.36
C ARG A 38 -6.97 -17.81 23.24
N GLN A 39 -6.45 -18.63 24.14
CA GLN A 39 -6.70 -20.06 24.14
C GLN A 39 -6.76 -20.51 25.59
N VAL A 40 -7.95 -20.91 26.02
CA VAL A 40 -8.11 -21.54 27.33
C VAL A 40 -7.32 -22.84 27.26
N PRO A 41 -6.48 -23.10 28.29
CA PRO A 41 -5.69 -24.34 28.28
C PRO A 41 -6.56 -25.57 28.00
N GLY A 42 -6.13 -26.40 27.06
CA GLY A 42 -6.89 -27.59 26.72
C GLY A 42 -8.05 -27.31 25.78
N GLU A 43 -8.21 -26.04 25.38
CA GLU A 43 -9.37 -25.65 24.58
C GLU A 43 -8.99 -24.98 23.26
N GLY A 44 -10.00 -24.43 22.59
CA GLY A 44 -9.82 -23.88 21.26
C GLY A 44 -9.38 -22.43 21.24
N LEU A 45 -9.41 -21.84 20.05
CA LEU A 45 -8.93 -20.48 19.86
C LEU A 45 -10.08 -19.49 19.80
N GLU A 46 -9.83 -18.29 20.30
CA GLU A 46 -10.81 -17.22 20.30
C GLU A 46 -10.12 -15.91 19.95
N TRP A 47 -10.63 -15.20 18.96
CA TRP A 47 -10.10 -13.89 18.64
C TRP A 47 -10.54 -12.91 19.73
N VAL A 48 -9.61 -12.04 20.15
CA VAL A 48 -9.87 -11.12 21.25
C VAL A 48 -9.99 -9.67 20.83
N SER A 49 -8.99 -9.19 20.07
CA SER A 49 -8.97 -7.78 19.72
C SER A 49 -8.00 -7.48 18.60
N GLY A 50 -8.19 -6.33 17.93
CA GLY A 50 -7.32 -6.03 16.82
C GLY A 50 -7.26 -4.56 16.46
N ILE A 51 -6.16 -4.20 15.81
CA ILE A 51 -5.89 -2.81 15.48
C ILE A 51 -5.21 -2.70 14.11
N SER A 52 -5.74 -1.82 13.27
CA SER A 52 -5.25 -1.66 11.90
C SER A 52 -3.93 -0.88 11.86
N ARG A 53 -3.37 -0.77 10.66
CA ARG A 53 -2.28 0.16 10.41
C ARG A 53 -2.64 1.58 10.84
N SER A 54 -1.66 2.30 11.39
CA SER A 54 -1.81 3.70 11.80
C SER A 54 -2.85 3.87 12.91
N SER A 55 -3.23 2.75 13.52
CA SER A 55 -4.21 2.73 14.61
C SER A 55 -5.57 3.27 14.15
N GLY A 56 -5.83 3.22 12.85
CA GLY A 56 -7.02 3.81 12.27
C GLY A 56 -8.31 3.02 12.48
N ASP A 57 -8.16 1.73 12.78
CA ASP A 57 -9.33 0.86 12.95
C ASP A 57 -9.08 -0.12 14.09
N ILE A 58 -10.00 -0.15 15.04
CA ILE A 58 -9.84 -0.89 16.28
C ILE A 58 -11.11 -1.67 16.59
N ASP A 59 -10.97 -2.92 17.03
CA ASP A 59 -12.15 -3.70 17.36
C ASP A 59 -11.84 -4.70 18.48
N TYR A 60 -12.90 -5.24 19.08
CA TYR A 60 -12.76 -6.11 20.23
C TYR A 60 -13.78 -7.22 20.17
N ALA A 61 -13.45 -8.38 20.72
CA ALA A 61 -14.45 -9.41 20.91
C ALA A 61 -15.50 -8.87 21.88
N ASP A 62 -16.75 -9.27 21.67
CA ASP A 62 -17.84 -8.79 22.52
C ASP A 62 -17.59 -9.04 23.99
N SER A 63 -17.00 -10.19 24.30
CA SER A 63 -16.81 -10.58 25.69
C SER A 63 -15.76 -9.76 26.43
N VAL A 64 -14.98 -8.98 25.69
CA VAL A 64 -13.97 -8.16 26.34
C VAL A 64 -14.20 -6.69 26.11
N LYS A 65 -15.26 -6.36 25.36
CA LYS A 65 -15.55 -4.96 25.07
C LYS A 65 -15.88 -4.17 26.33
N GLY A 66 -15.28 -3.00 26.43
CA GLY A 66 -15.46 -2.10 27.55
C GLY A 66 -14.44 -2.41 28.63
N ARG A 67 -13.87 -3.61 28.57
CA ARG A 67 -12.89 -4.03 29.56
C ARG A 67 -11.45 -3.98 29.03
N PHE A 68 -11.28 -4.31 27.76
CA PHE A 68 -9.95 -4.34 27.13
C PHE A 68 -9.69 -3.16 26.20
N THR A 69 -8.44 -2.71 26.16
CA THR A 69 -8.03 -1.65 25.26
C THR A 69 -6.72 -1.99 24.52
N ILE A 70 -6.76 -1.97 23.19
CA ILE A 70 -5.61 -2.36 22.38
C ILE A 70 -4.92 -1.11 21.82
N SER A 71 -3.59 -1.15 21.74
CA SER A 71 -2.86 -0.03 21.16
C SER A 71 -1.52 -0.46 20.55
N ARG A 72 -0.91 0.37 19.72
CA ARG A 72 0.39 0.04 19.17
C ARG A 72 1.32 1.23 19.17
N ASP A 73 2.62 0.97 19.24
CA ASP A 73 3.63 2.01 19.13
C ASP A 73 4.55 1.56 18.01
N ASP A 74 4.39 2.15 16.83
CA ASP A 74 5.11 1.68 15.66
C ASP A 74 6.61 1.94 15.83
N ALA A 75 6.91 3.13 16.36
CA ALA A 75 8.27 3.52 16.70
C ALA A 75 8.98 2.51 17.59
N LYS A 76 8.26 1.99 18.58
CA LYS A 76 8.83 1.01 19.49
C LYS A 76 8.66 -0.41 18.96
N LYS A 77 7.92 -0.52 17.86
CA LYS A 77 7.61 -1.83 17.28
C LYS A 77 6.89 -2.70 18.30
N THR A 78 5.95 -2.11 19.03
CA THR A 78 5.22 -2.85 20.06
C THR A 78 3.70 -2.82 19.93
N LEU A 79 3.07 -3.89 20.41
CA LEU A 79 1.62 -3.95 20.48
C LEU A 79 1.29 -4.11 21.96
N SER A 80 0.22 -3.47 22.41
CA SER A 80 -0.19 -3.59 23.80
C SER A 80 -1.67 -3.93 23.97
N LEU A 81 -1.96 -4.57 25.10
CA LEU A 81 -3.33 -4.85 25.52
C LEU A 81 -3.54 -4.56 27.01
N GLN A 82 -4.29 -3.50 27.29
CA GLN A 82 -4.73 -3.19 28.64
C GLN A 82 -5.95 -4.02 29.00
N MET A 83 -5.82 -4.85 30.02
CA MET A 83 -6.90 -5.74 30.43
C MET A 83 -7.43 -5.32 31.80
N ASN A 84 -8.63 -4.75 31.83
CA ASN A 84 -9.26 -4.29 33.07
C ASN A 84 -10.45 -5.15 33.48
N SER A 85 -10.88 -5.02 34.74
CA SER A 85 -12.04 -5.75 35.24
C SER A 85 -11.95 -7.25 34.92
N LEU A 86 -10.79 -7.83 35.21
CA LEU A 86 -10.54 -9.22 34.86
C LEU A 86 -11.44 -10.22 35.57
N ARG A 87 -11.75 -11.28 34.84
CA ARG A 87 -12.69 -12.30 35.27
C ARG A 87 -12.02 -13.66 35.21
N ALA A 88 -12.57 -14.60 35.96
CA ALA A 88 -12.02 -15.95 36.01
C ALA A 88 -11.96 -16.57 34.61
N GLU A 89 -13.02 -16.36 33.83
CA GLU A 89 -13.10 -16.93 32.49
C GLU A 89 -12.19 -16.26 31.45
N ASP A 90 -11.50 -15.20 31.86
CA ASP A 90 -10.47 -14.62 31.00
C ASP A 90 -9.14 -15.36 31.10
N THR A 91 -9.08 -16.34 32.01
CA THR A 91 -7.85 -17.09 32.21
C THR A 91 -7.60 -17.85 30.91
N ALA A 92 -6.38 -17.74 30.39
CA ALA A 92 -6.01 -18.33 29.10
C ALA A 92 -4.59 -17.93 28.71
N VAL A 93 -4.05 -18.62 27.72
CA VAL A 93 -2.84 -18.16 27.04
C VAL A 93 -3.23 -17.08 26.04
N TYR A 94 -2.55 -15.93 26.10
CA TYR A 94 -2.78 -14.86 25.15
C TYR A 94 -1.70 -14.82 24.08
N TYR A 95 -2.14 -14.82 22.82
CA TYR A 95 -1.24 -14.76 21.69
C TYR A 95 -1.27 -13.40 20.99
N CYS A 96 -0.08 -12.89 20.68
CA CYS A 96 0.08 -11.79 19.73
C CYS A 96 0.11 -12.38 18.31
N ALA A 97 -0.59 -11.75 17.37
CA ALA A 97 -0.57 -12.27 15.99
C ALA A 97 -0.60 -11.19 14.92
N ARG A 98 0.13 -11.43 13.83
CA ARG A 98 0.12 -10.55 12.67
C ARG A 98 -1.09 -10.83 11.77
N GLY A 99 -1.77 -9.78 11.32
CA GLY A 99 -2.95 -9.94 10.49
C GLY A 99 -2.64 -10.46 9.09
N GLY A 100 -3.49 -11.38 8.63
CA GLY A 100 -3.40 -11.94 7.30
C GLY A 100 -4.60 -11.63 6.42
N PHE A 101 -5.18 -10.45 6.60
CA PHE A 101 -6.34 -10.01 5.82
C PHE A 101 -7.47 -11.02 5.94
N GLY A 102 -7.88 -11.26 7.18
CA GLY A 102 -8.95 -12.18 7.49
C GLY A 102 -8.38 -13.26 8.38
N SER A 103 -7.16 -13.70 8.06
CA SER A 103 -6.51 -14.75 8.82
C SER A 103 -5.42 -14.16 9.70
N PHE A 104 -4.73 -15.01 10.44
CA PHE A 104 -3.63 -14.56 11.27
C PHE A 104 -2.35 -15.31 10.92
N ASP A 105 -1.42 -14.62 10.25
CA ASP A 105 -0.37 -15.32 9.51
C ASP A 105 0.90 -15.61 10.31
N THR A 106 1.03 -14.99 11.47
CA THR A 106 2.20 -15.21 12.33
C THR A 106 1.81 -15.08 13.80
N TRP A 107 2.24 -16.03 14.62
CA TRP A 107 1.86 -16.07 16.03
C TRP A 107 3.08 -16.06 16.95
N GLY A 108 2.98 -15.35 18.07
CA GLY A 108 4.00 -15.41 19.10
C GLY A 108 3.84 -16.71 19.87
N GLN A 109 4.70 -16.95 20.87
CA GLN A 109 4.61 -18.19 21.65
C GLN A 109 3.55 -18.09 22.74
N GLY A 110 3.06 -16.88 22.98
CA GLY A 110 1.97 -16.67 23.93
C GLY A 110 2.44 -16.44 25.34
N THR A 111 1.57 -15.86 26.16
CA THR A 111 1.87 -15.60 27.56
C THR A 111 0.67 -15.98 28.42
N MET A 112 0.93 -16.68 29.53
CA MET A 112 -0.16 -17.17 30.35
C MET A 112 -0.72 -16.08 31.25
N VAL A 113 -2.05 -15.97 31.28
CA VAL A 113 -2.76 -15.05 32.15
C VAL A 113 -3.68 -15.88 33.03
N THR A 114 -3.48 -15.82 34.34
CA THR A 114 -4.33 -16.56 35.24
C THR A 114 -5.10 -15.68 36.22
N VAL A 115 -6.42 -15.86 36.23
CA VAL A 115 -7.31 -15.12 37.10
C VAL A 115 -7.91 -16.16 38.03
N SER A 116 -7.46 -16.11 39.28
CA SER A 116 -7.80 -17.09 40.30
C SER A 116 -7.71 -16.41 41.66
N SER A 117 -8.53 -16.86 42.60
CA SER A 117 -8.55 -16.25 43.92
C SER A 117 -7.49 -16.86 44.82
N SER B 15 -26.61 -16.56 16.48
CA SER B 15 -25.79 -15.40 16.21
C SER B 15 -24.61 -15.75 15.32
N GLU B 16 -23.46 -15.94 15.96
CA GLU B 16 -22.18 -16.10 15.25
C GLU B 16 -22.10 -17.46 14.56
N ILE B 17 -21.23 -17.55 13.56
CA ILE B 17 -21.01 -18.79 12.82
C ILE B 17 -20.29 -19.84 13.66
N VAL B 18 -20.90 -21.02 13.72
CA VAL B 18 -20.32 -22.18 14.41
C VAL B 18 -19.63 -23.11 13.42
N LEU B 19 -18.37 -23.42 13.73
CA LEU B 19 -17.56 -24.34 12.95
C LEU B 19 -17.39 -25.71 13.60
N THR B 20 -17.88 -26.74 12.92
CA THR B 20 -17.77 -28.11 13.40
C THR B 20 -16.68 -28.96 12.73
N GLN B 21 -15.66 -29.33 13.49
CA GLN B 21 -14.54 -30.16 12.99
C GLN B 21 -14.69 -31.63 13.33
N SER B 22 -14.54 -32.49 12.33
CA SER B 22 -14.64 -33.92 12.58
C SER B 22 -13.56 -34.73 11.83
N PRO B 23 -13.08 -35.83 12.46
CA PRO B 23 -13.49 -36.25 13.79
C PRO B 23 -12.80 -35.43 14.88
N ALA B 24 -13.25 -35.52 16.13
CA ALA B 24 -12.57 -34.83 17.22
C ALA B 24 -11.15 -35.33 17.44
N THR B 25 -10.95 -36.63 17.23
CA THR B 25 -9.62 -37.22 17.38
C THR B 25 -9.32 -38.24 16.29
N LEU B 26 -8.09 -38.26 15.82
CA LEU B 26 -7.73 -39.17 14.75
C LEU B 26 -6.46 -39.93 15.15
N SER B 27 -6.60 -41.21 15.47
CA SER B 27 -5.44 -41.97 15.88
C SER B 27 -4.79 -42.61 14.65
N VAL B 28 -3.55 -42.22 14.34
CA VAL B 28 -2.90 -42.68 13.12
C VAL B 28 -1.39 -42.89 13.23
N SER B 29 -0.88 -43.73 12.36
CA SER B 29 0.54 -44.06 12.30
C SER B 29 1.21 -43.20 11.21
N PRO B 30 2.50 -42.85 11.39
CA PRO B 30 3.28 -42.11 10.39
C PRO B 30 3.26 -42.79 9.02
N GLY B 31 3.31 -42.03 7.94
CA GLY B 31 3.22 -42.61 6.61
C GLY B 31 1.80 -42.82 6.12
N GLU B 32 0.83 -42.87 7.04
CA GLU B 32 -0.56 -43.03 6.66
C GLU B 32 -1.11 -41.73 6.09
N ARG B 33 -2.40 -41.75 5.79
CA ARG B 33 -3.05 -40.56 5.25
C ARG B 33 -4.16 -40.09 6.16
N ALA B 34 -4.24 -38.77 6.34
CA ALA B 34 -5.24 -38.20 7.23
C ALA B 34 -6.18 -37.28 6.47
N THR B 35 -7.47 -37.40 6.75
CA THR B 35 -8.46 -36.53 6.13
C THR B 35 -9.28 -35.87 7.22
N LEU B 36 -9.10 -34.56 7.35
CA LEU B 36 -9.80 -33.78 8.36
C LEU B 36 -10.94 -32.98 7.74
N SER B 37 -12.06 -32.90 8.46
CA SER B 37 -13.25 -32.25 7.93
C SER B 37 -13.61 -31.03 8.76
N CYS B 38 -13.99 -29.96 8.07
CA CYS B 38 -14.49 -28.76 8.72
C CYS B 38 -15.78 -28.29 8.06
N ARG B 39 -16.86 -28.23 8.84
CA ARG B 39 -18.15 -27.81 8.33
C ARG B 39 -18.68 -26.52 8.95
N ALA B 40 -19.07 -25.57 8.10
CA ALA B 40 -19.61 -24.29 8.57
C ALA B 40 -21.14 -24.33 8.56
N SER B 41 -21.75 -23.73 9.58
CA SER B 41 -23.20 -23.74 9.73
C SER B 41 -23.92 -23.06 8.57
N GLN B 42 -23.24 -22.13 7.91
CA GLN B 42 -23.70 -21.59 6.65
C GLN B 42 -22.50 -21.14 5.83
N SER B 43 -22.74 -20.83 4.55
CA SER B 43 -21.62 -20.58 3.65
C SER B 43 -20.74 -19.42 4.07
N VAL B 44 -19.44 -19.67 4.06
CA VAL B 44 -18.42 -18.66 4.25
C VAL B 44 -17.68 -18.51 2.92
N ARG B 45 -18.33 -18.98 1.84
CA ARG B 45 -17.71 -19.01 0.51
C ARG B 45 -16.33 -19.64 0.61
N SER B 46 -15.28 -18.93 0.23
CA SER B 46 -13.96 -19.52 0.32
C SER B 46 -13.12 -18.97 1.48
N TYR B 47 -13.73 -18.21 2.38
CA TYR B 47 -12.92 -17.54 3.39
C TYR B 47 -12.76 -18.46 4.60
N LEU B 48 -11.81 -19.38 4.47
CA LEU B 48 -11.59 -20.42 5.44
C LEU B 48 -10.08 -20.58 5.55
N ALA B 49 -9.56 -20.54 6.77
CA ALA B 49 -8.14 -20.75 6.97
C ALA B 49 -7.88 -22.02 7.77
N TRP B 50 -6.69 -22.58 7.59
CA TRP B 50 -6.26 -23.73 8.38
C TRP B 50 -4.99 -23.39 9.11
N TYR B 51 -4.94 -23.81 10.37
CA TYR B 51 -3.81 -23.63 11.26
C TYR B 51 -3.38 -24.96 11.84
N GLN B 52 -2.08 -25.08 12.06
CA GLN B 52 -1.51 -26.20 12.81
C GLN B 52 -0.95 -25.75 14.15
N GLN B 53 -1.25 -26.50 15.20
CA GLN B 53 -0.66 -26.25 16.51
C GLN B 53 -0.01 -27.50 17.08
N LYS B 54 1.31 -27.49 17.15
CA LYS B 54 2.05 -28.59 17.70
C LYS B 54 2.04 -28.46 19.22
N PRO B 55 2.19 -29.58 19.94
CA PRO B 55 2.24 -29.48 21.40
C PRO B 55 3.33 -28.49 21.85
N GLY B 56 3.01 -27.56 22.73
CA GLY B 56 4.03 -26.67 23.26
C GLY B 56 4.47 -25.66 22.22
N GLN B 57 3.59 -25.33 21.28
CA GLN B 57 3.94 -24.39 20.24
C GLN B 57 2.75 -23.51 19.88
N ALA B 58 3.02 -22.43 19.18
CA ALA B 58 1.95 -21.54 18.75
C ALA B 58 1.33 -22.06 17.48
N PRO B 59 0.09 -21.62 17.18
CA PRO B 59 -0.48 -22.05 15.90
C PRO B 59 0.39 -21.58 14.74
N ARG B 60 0.29 -22.27 13.60
CA ARG B 60 1.11 -21.94 12.45
C ARG B 60 0.14 -21.95 11.29
N LEU B 61 0.14 -20.90 10.47
CA LEU B 61 -0.77 -20.89 9.36
C LEU B 61 -0.36 -21.88 8.29
N LEU B 62 -1.34 -22.63 7.84
CA LEU B 62 -1.21 -23.61 6.78
C LEU B 62 -1.88 -23.14 5.51
N PHE B 63 -3.16 -22.76 5.61
CA PHE B 63 -3.88 -22.33 4.41
C PHE B 63 -4.76 -21.10 4.61
N SER B 64 -4.90 -20.31 3.56
CA SER B 64 -5.94 -19.29 3.51
C SER B 64 -6.78 -19.43 2.23
N ASP B 65 -7.92 -18.75 2.21
CA ASP B 65 -8.91 -18.81 1.13
C ASP B 65 -9.23 -20.27 0.79
N ALA B 66 -9.23 -21.08 1.85
CA ALA B 66 -9.55 -22.51 1.90
C ALA B 66 -8.51 -23.42 1.24
N SER B 67 -7.95 -23.01 0.10
CA SER B 67 -7.08 -23.92 -0.64
C SER B 67 -5.68 -23.37 -0.91
N ASN B 68 -5.46 -22.09 -0.61
CA ASN B 68 -4.17 -21.48 -0.89
C ASN B 68 -3.12 -21.82 0.16
N ARG B 69 -1.94 -22.19 -0.28
CA ARG B 69 -0.90 -22.66 0.63
C ARG B 69 -0.05 -21.51 1.14
N ALA B 70 0.17 -21.47 2.44
CA ALA B 70 1.11 -20.51 3.02
C ALA B 70 2.54 -20.96 2.72
N THR B 71 3.49 -20.05 2.82
CA THR B 71 4.87 -20.33 2.43
C THR B 71 5.53 -21.33 3.37
N GLY B 72 6.26 -22.27 2.80
CA GLY B 72 6.98 -23.27 3.58
C GLY B 72 6.15 -24.44 4.06
N ILE B 73 4.91 -24.55 3.56
CA ILE B 73 4.04 -25.68 3.87
C ILE B 73 4.27 -26.79 2.84
N PRO B 74 4.64 -27.99 3.30
CA PRO B 74 4.99 -29.12 2.43
C PRO B 74 3.85 -29.58 1.52
N ALA B 75 4.21 -30.08 0.35
CA ALA B 75 3.25 -30.51 -0.67
C ALA B 75 2.24 -31.54 -0.16
N ARG B 76 2.64 -32.33 0.84
CA ARG B 76 1.80 -33.39 1.38
C ARG B 76 0.53 -32.83 2.04
N PHE B 77 0.53 -31.52 2.28
CA PHE B 77 -0.64 -30.82 2.81
C PHE B 77 -1.47 -30.23 1.67
N THR B 78 -2.79 -30.47 1.69
CA THR B 78 -3.67 -29.77 0.75
C THR B 78 -4.96 -29.33 1.41
N GLY B 79 -5.42 -28.13 1.05
CA GLY B 79 -6.71 -27.67 1.53
C GLY B 79 -7.71 -27.70 0.40
N SER B 80 -8.98 -27.97 0.71
CA SER B 80 -10.03 -27.94 -0.29
C SER B 80 -11.38 -27.62 0.33
N GLY B 81 -12.37 -27.46 -0.53
CA GLY B 81 -13.73 -27.16 -0.12
C GLY B 81 -14.23 -25.76 -0.41
N SER B 82 -15.55 -25.59 -0.29
CA SER B 82 -16.16 -24.27 -0.42
C SER B 82 -17.57 -24.28 0.14
N GLY B 83 -18.12 -23.10 0.43
CA GLY B 83 -19.46 -23.07 0.98
C GLY B 83 -19.44 -23.43 2.45
N THR B 84 -19.98 -24.60 2.77
CA THR B 84 -20.04 -24.98 4.18
C THR B 84 -19.11 -26.14 4.52
N ASP B 85 -18.54 -26.78 3.50
CA ASP B 85 -17.69 -27.96 3.71
C ASP B 85 -16.28 -27.86 3.12
N PHE B 86 -15.31 -27.91 4.04
CA PHE B 86 -13.90 -27.75 3.73
C PHE B 86 -13.15 -28.96 4.30
N THR B 87 -12.02 -29.31 3.70
CA THR B 87 -11.15 -30.36 4.23
C THR B 87 -9.65 -30.07 4.14
N LEU B 88 -8.94 -30.61 5.13
CA LEU B 88 -7.50 -30.61 5.09
C LEU B 88 -7.02 -32.04 4.93
N THR B 89 -6.20 -32.29 3.92
CA THR B 89 -5.70 -33.63 3.65
C THR B 89 -4.18 -33.70 3.79
N ILE B 90 -3.71 -34.67 4.56
CA ILE B 90 -2.27 -34.98 4.62
C ILE B 90 -1.98 -36.36 4.01
N SER B 91 -1.30 -36.37 2.86
CA SER B 91 -1.17 -37.59 2.07
C SER B 91 -0.36 -38.68 2.79
N SER B 92 0.71 -38.30 3.46
CA SER B 92 1.54 -39.26 4.16
C SER B 92 2.12 -38.66 5.43
N LEU B 93 1.53 -39.00 6.57
CA LEU B 93 1.90 -38.34 7.82
C LEU B 93 3.37 -38.54 8.15
N GLU B 94 4.07 -37.43 8.35
CA GLU B 94 5.39 -37.41 8.95
C GLU B 94 5.22 -37.24 10.46
N PRO B 95 6.25 -37.57 11.25
CA PRO B 95 6.09 -37.44 12.70
C PRO B 95 5.78 -36.00 13.12
N GLU B 96 6.38 -35.02 12.43
CA GLU B 96 6.16 -33.62 12.79
C GLU B 96 4.75 -33.16 12.42
N ASP B 97 4.04 -33.98 11.66
CA ASP B 97 2.66 -33.68 11.27
C ASP B 97 1.66 -33.89 12.41
N PHE B 98 2.10 -34.54 13.49
CA PHE B 98 1.21 -34.80 14.62
C PHE B 98 0.99 -33.58 15.50
N ALA B 99 -0.21 -33.04 15.41
CA ALA B 99 -0.56 -31.78 16.04
C ALA B 99 -2.08 -31.67 16.16
N ILE B 100 -2.54 -30.53 16.66
CA ILE B 100 -3.96 -30.18 16.63
C ILE B 100 -4.16 -29.28 15.42
N TYR B 101 -5.29 -29.39 14.72
CA TYR B 101 -5.53 -28.56 13.55
C TYR B 101 -6.83 -27.78 13.68
N TYR B 102 -6.76 -26.47 13.45
CA TYR B 102 -7.96 -25.65 13.52
C TYR B 102 -8.34 -25.02 12.20
N CYS B 103 -9.62 -24.99 11.90
CA CYS B 103 -10.14 -24.15 10.82
C CYS B 103 -10.73 -22.84 11.33
N GLN B 104 -10.85 -21.83 10.46
CA GLN B 104 -11.35 -20.51 10.87
C GLN B 104 -12.03 -19.74 9.73
N GLN B 105 -13.25 -19.26 9.94
CA GLN B 105 -13.94 -18.46 8.91
C GLN B 105 -13.76 -16.96 9.09
N TYR B 106 -13.75 -16.24 7.98
CA TYR B 106 -13.73 -14.77 7.99
C TYR B 106 -14.75 -14.00 7.08
N ARG B 107 -15.68 -14.73 6.44
N ARG B 107 -15.70 -14.68 6.43
CA ARG B 107 -16.80 -14.12 5.74
CA ARG B 107 -16.73 -13.92 5.70
C ARG B 107 -17.54 -13.13 6.63
C ARG B 107 -17.55 -13.06 6.66
N TYR B 108 -17.81 -13.56 7.86
CA TYR B 108 -18.62 -12.79 8.79
C TYR B 108 -17.85 -12.46 10.08
N SER B 109 -18.31 -11.44 10.78
CA SER B 109 -17.86 -11.12 12.13
C SER B 109 -18.88 -11.62 13.16
N PRO B 110 -18.42 -12.13 14.31
CA PRO B 110 -17.02 -12.33 14.72
C PRO B 110 -16.33 -13.47 14.00
N ARG B 111 -15.02 -13.39 13.85
CA ARG B 111 -14.27 -14.50 13.28
C ARG B 111 -14.27 -15.66 14.28
N THR B 112 -14.50 -16.87 13.79
CA THR B 112 -14.66 -18.02 14.67
C THR B 112 -13.75 -19.18 14.28
N PHE B 113 -13.45 -20.03 15.26
CA PHE B 113 -12.61 -21.21 15.04
C PHE B 113 -13.41 -22.48 15.29
N GLY B 114 -12.97 -23.58 14.69
CA GLY B 114 -13.48 -24.89 15.06
C GLY B 114 -12.85 -25.32 16.37
N GLN B 115 -13.39 -26.37 16.98
CA GLN B 115 -12.87 -26.83 18.27
C GLN B 115 -11.57 -27.63 18.09
N GLY B 116 -11.21 -27.91 16.84
CA GLY B 116 -9.95 -28.58 16.57
C GLY B 116 -10.01 -30.09 16.41
N THR B 117 -9.11 -30.62 15.59
CA THR B 117 -8.95 -32.07 15.49
C THR B 117 -7.51 -32.42 15.87
N LYS B 118 -7.36 -33.26 16.89
CA LYS B 118 -6.05 -33.77 17.27
C LYS B 118 -5.68 -35.02 16.50
N VAL B 119 -4.53 -35.00 15.82
CA VAL B 119 -4.07 -36.22 15.19
C VAL B 119 -2.98 -36.83 16.06
N GLU B 120 -3.31 -37.96 16.68
CA GLU B 120 -2.36 -38.56 17.60
C GLU B 120 -2.08 -40.06 17.33
N ILE B 121 -0.97 -40.55 17.87
CA ILE B 121 -0.59 -41.96 17.74
C ILE B 121 -1.69 -42.92 18.19
N LYS B 122 -1.78 -44.08 17.54
CA LYS B 122 -2.61 -45.18 18.06
C LYS B 122 -2.16 -45.66 19.44
N ARG B 123 -1.07 -45.32 19.91
N LYS C 1 -15.21 2.91 -11.28
CA LYS C 1 -14.49 1.66 -11.07
C LYS C 1 -14.37 1.37 -9.57
N GLU C 2 -14.30 0.09 -9.21
CA GLU C 2 -14.09 -0.31 -7.82
C GLU C 2 -12.99 -1.36 -7.69
N GLY C 3 -12.38 -1.44 -6.51
CA GLY C 3 -11.37 -2.44 -6.25
C GLY C 3 -10.70 -2.30 -4.89
N TYR C 4 -10.02 -3.36 -4.45
CA TYR C 4 -9.29 -3.32 -3.18
C TYR C 4 -8.18 -2.29 -3.23
N LEU C 5 -8.11 -1.46 -2.20
CA LEU C 5 -6.95 -0.60 -1.98
C LEU C 5 -5.69 -1.44 -1.95
N VAL C 6 -4.60 -0.92 -2.50
CA VAL C 6 -3.35 -1.68 -2.50
C VAL C 6 -2.19 -0.76 -2.14
N ASP C 7 -1.26 -1.29 -1.34
CA ASP C 7 -0.07 -0.52 -1.01
C ASP C 7 0.82 -0.57 -2.22
N LYS C 8 1.10 0.60 -2.79
CA LYS C 8 1.86 0.68 -4.01
C LYS C 8 3.26 0.15 -3.79
N ASN C 9 3.77 0.27 -2.57
CA ASN C 9 5.14 -0.11 -2.31
C ASN C 9 5.32 -1.62 -2.11
N THR C 10 4.34 -2.24 -1.45
CA THR C 10 4.46 -3.64 -1.08
C THR C 10 3.58 -4.57 -1.91
N GLY C 11 2.58 -4.00 -2.59
CA GLY C 11 1.67 -4.77 -3.40
C GLY C 11 0.53 -5.45 -2.64
N CYS C 12 0.36 -5.13 -1.36
CA CYS C 12 -0.60 -5.86 -0.55
C CYS C 12 -1.76 -5.01 -0.05
N LYS C 13 -2.84 -5.69 0.29
CA LYS C 13 -4.10 -5.06 0.67
C LYS C 13 -4.00 -4.30 1.98
N TYR C 14 -5.00 -3.46 2.25
CA TYR C 14 -5.08 -2.79 3.54
C TYR C 14 -6.08 -3.55 4.40
N GLU C 15 -5.64 -3.99 5.57
CA GLU C 15 -6.50 -4.78 6.44
C GLU C 15 -7.36 -3.87 7.33
N CYS C 16 -8.62 -4.26 7.51
CA CYS C 16 -9.54 -3.56 8.39
C CYS C 16 -10.13 -4.53 9.41
N LEU C 17 -10.78 -3.98 10.42
CA LEU C 17 -11.28 -4.76 11.55
C LEU C 17 -12.79 -4.91 11.53
N LYS C 18 -13.52 -3.85 11.19
CA LYS C 18 -14.97 -3.86 11.25
C LYS C 18 -15.60 -4.00 9.87
N LEU C 19 -16.23 -5.14 9.62
CA LEU C 19 -16.84 -5.44 8.33
C LEU C 19 -17.94 -4.42 8.01
N GLY C 20 -18.03 -4.04 6.74
CA GLY C 20 -19.07 -3.17 6.27
C GLY C 20 -18.61 -1.72 6.33
N ASP C 21 -19.54 -0.82 6.65
CA ASP C 21 -19.23 0.59 6.85
C ASP C 21 -18.02 0.74 7.76
N ASN C 22 -17.02 1.48 7.27
CA ASN C 22 -15.73 1.57 7.95
C ASN C 22 -15.03 2.89 7.65
N ASP C 23 -14.90 3.74 8.66
CA ASP C 23 -14.35 5.08 8.44
C ASP C 23 -12.86 5.06 8.10
N TYR C 24 -12.16 4.04 8.57
CA TYR C 24 -10.74 3.86 8.23
C TYR C 24 -10.54 3.64 6.74
N CYS C 25 -11.26 2.65 6.22
CA CYS C 25 -11.22 2.32 4.80
C CYS C 25 -11.68 3.50 3.99
N LEU C 26 -12.76 4.12 4.44
CA LEU C 26 -13.27 5.32 3.81
C LEU C 26 -12.15 6.37 3.63
N ARG C 27 -11.45 6.72 4.72
CA ARG C 27 -10.47 7.80 4.64
C ARG C 27 -9.24 7.42 3.83
N GLU C 28 -8.79 6.19 3.97
CA GLU C 28 -7.62 5.73 3.24
C GLU C 28 -7.93 5.68 1.74
N CYS C 29 -9.12 5.19 1.41
CA CYS C 29 -9.57 5.14 0.02
C CYS C 29 -9.65 6.53 -0.59
N LYS C 30 -10.22 7.49 0.14
CA LYS C 30 -10.23 8.85 -0.44
C LYS C 30 -8.84 9.43 -0.58
N GLN C 31 -7.99 9.22 0.42
CA GLN C 31 -6.67 9.83 0.36
C GLN C 31 -5.89 9.29 -0.83
N GLN C 32 -5.90 7.97 -1.01
CA GLN C 32 -5.20 7.36 -2.13
C GLN C 32 -5.84 7.72 -3.49
N TYR C 33 -7.17 7.65 -3.58
CA TYR C 33 -7.85 7.74 -4.88
C TYR C 33 -8.61 9.06 -5.12
N GLY C 34 -8.71 9.89 -4.10
CA GLY C 34 -9.35 11.20 -4.23
C GLY C 34 -10.65 11.41 -3.45
N LYS C 35 -11.03 12.66 -3.33
CA LYS C 35 -12.14 13.08 -2.47
C LYS C 35 -13.49 12.46 -2.82
N GLY C 36 -13.64 12.01 -4.06
CA GLY C 36 -14.88 11.42 -4.52
C GLY C 36 -15.04 9.96 -4.17
N ALA C 37 -13.94 9.34 -3.76
CA ALA C 37 -13.95 7.92 -3.48
C ALA C 37 -14.81 7.56 -2.27
N GLY C 38 -15.38 6.36 -2.34
CA GLY C 38 -16.04 5.73 -1.20
C GLY C 38 -15.22 4.54 -0.78
N GLY C 39 -15.63 3.86 0.28
CA GLY C 39 -14.92 2.69 0.71
C GLY C 39 -15.55 2.00 1.91
N TYR C 40 -15.42 0.68 1.95
CA TYR C 40 -15.93 -0.09 3.08
C TYR C 40 -15.12 -1.36 3.28
N CYS C 41 -15.40 -2.07 4.37
CA CYS C 41 -14.59 -3.22 4.73
C CYS C 41 -15.27 -4.48 4.26
N TYR C 42 -14.62 -5.24 3.39
CA TYR C 42 -15.26 -6.44 2.87
C TYR C 42 -14.28 -7.59 3.06
N ALA C 43 -14.70 -8.63 3.76
CA ALA C 43 -13.82 -9.76 4.09
C ALA C 43 -12.50 -9.31 4.71
N PHE C 44 -12.57 -8.22 5.49
CA PHE C 44 -11.43 -7.68 6.25
C PHE C 44 -10.32 -7.02 5.42
N ALA C 45 -10.66 -6.61 4.21
CA ALA C 45 -9.76 -5.76 3.44
C ALA C 45 -10.53 -4.50 3.02
N CYS C 46 -9.83 -3.39 2.85
CA CYS C 46 -10.46 -2.15 2.41
C CYS C 46 -10.78 -2.19 0.92
N TRP C 47 -12.07 -2.05 0.63
CA TRP C 47 -12.56 -2.02 -0.74
C TRP C 47 -13.00 -0.60 -1.10
N CYS C 48 -12.31 0.00 -2.06
CA CYS C 48 -12.60 1.37 -2.48
C CYS C 48 -13.62 1.43 -3.61
N THR C 49 -14.41 2.50 -3.66
CA THR C 49 -15.47 2.66 -4.65
C THR C 49 -15.43 4.05 -5.28
N HIS C 50 -16.22 4.25 -6.36
CA HIS C 50 -16.29 5.54 -7.05
C HIS C 50 -14.90 6.00 -7.47
N LEU C 51 -14.07 5.04 -7.90
CA LEU C 51 -12.72 5.38 -8.31
C LEU C 51 -12.73 5.83 -9.76
N TYR C 52 -11.80 6.71 -10.12
CA TYR C 52 -11.58 7.05 -11.52
C TYR C 52 -11.13 5.82 -12.29
N GLU C 53 -11.53 5.72 -13.55
CA GLU C 53 -11.35 4.49 -14.31
C GLU C 53 -9.89 4.07 -14.40
N GLN C 54 -8.99 5.05 -14.31
CA GLN C 54 -7.57 4.77 -14.45
C GLN C 54 -6.92 4.38 -13.12
N ALA C 55 -7.72 4.35 -12.06
CA ALA C 55 -7.18 4.09 -10.71
C ALA C 55 -6.51 2.72 -10.68
N ILE C 56 -5.36 2.64 -10.02
CA ILE C 56 -4.68 1.37 -9.86
C ILE C 56 -5.12 0.61 -8.62
N VAL C 57 -5.72 -0.56 -8.79
CA VAL C 57 -6.13 -1.31 -7.61
C VAL C 57 -5.44 -2.67 -7.53
N TRP C 58 -5.69 -3.35 -6.41
CA TRP C 58 -5.17 -4.69 -6.15
C TRP C 58 -5.72 -5.70 -7.16
N PRO C 59 -4.91 -6.68 -7.59
CA PRO C 59 -3.49 -6.83 -7.26
C PRO C 59 -2.55 -6.15 -8.24
N LEU C 60 -1.35 -5.84 -7.77
CA LEU C 60 -0.32 -5.33 -8.64
C LEU C 60 0.13 -6.53 -9.44
N PRO C 61 0.23 -6.39 -10.76
CA PRO C 61 0.71 -7.47 -11.62
C PRO C 61 2.03 -8.00 -11.05
N ASN C 62 2.97 -7.09 -10.76
CA ASN C 62 4.30 -7.51 -10.35
C ASN C 62 4.47 -8.00 -8.92
N LYS C 63 3.79 -7.35 -7.98
CA LYS C 63 4.14 -7.57 -6.58
C LYS C 63 3.10 -8.20 -5.68
N ARG C 64 3.45 -9.37 -5.17
CA ARG C 64 2.68 -10.09 -4.18
C ARG C 64 3.04 -9.49 -2.83
N CYS C 65 2.15 -9.58 -1.85
CA CYS C 65 2.52 -9.16 -0.50
C CYS C 65 3.49 -10.18 0.08
N SER C 66 4.03 -9.99 1.16
N GLN D 1 -2.96 35.23 -11.96
CA GLN D 1 -3.40 35.22 -10.57
C GLN D 1 -2.96 33.93 -9.89
N VAL D 2 -2.61 32.94 -10.70
CA VAL D 2 -2.26 31.61 -10.22
C VAL D 2 -0.81 31.23 -10.54
N ASN D 3 -0.02 30.94 -9.51
CA ASN D 3 1.35 30.47 -9.72
C ASN D 3 1.95 29.71 -8.54
N LEU D 4 3.00 28.96 -8.84
CA LEU D 4 3.83 28.31 -7.81
C LEU D 4 5.22 28.93 -7.83
N ARG D 5 5.82 29.14 -6.67
CA ARG D 5 7.17 29.71 -6.64
C ARG D 5 8.09 28.94 -5.71
N GLU D 6 9.25 28.53 -6.23
CA GLU D 6 10.19 27.75 -5.45
C GLU D 6 11.25 28.61 -4.77
N SER D 7 11.60 28.24 -3.55
CA SER D 7 12.70 28.86 -2.84
C SER D 7 13.48 27.80 -2.08
N GLY D 8 14.56 28.20 -1.42
CA GLY D 8 15.36 27.28 -0.64
C GLY D 8 16.52 26.68 -1.40
N GLY D 9 16.61 26.97 -2.69
CA GLY D 9 17.71 26.47 -3.51
C GLY D 9 19.02 27.11 -3.11
N GLY D 10 20.12 26.39 -3.32
CA GLY D 10 21.43 26.89 -2.97
C GLY D 10 22.56 25.91 -3.20
N LEU D 11 23.75 26.27 -2.70
CA LEU D 11 24.93 25.42 -2.83
C LEU D 11 25.23 24.70 -1.53
N VAL D 12 25.49 23.40 -1.61
CA VAL D 12 25.71 22.59 -0.43
C VAL D 12 26.67 21.43 -0.71
N GLN D 13 27.51 21.13 0.28
CA GLN D 13 28.46 20.02 0.20
C GLN D 13 27.75 18.68 0.38
N PRO D 14 28.36 17.58 -0.13
CA PRO D 14 27.78 16.24 0.03
C PRO D 14 27.57 15.85 1.49
N GLY D 15 26.57 15.03 1.76
CA GLY D 15 26.26 14.59 3.11
C GLY D 15 25.42 15.60 3.86
N GLY D 16 25.40 16.84 3.36
CA GLY D 16 24.61 17.90 3.96
C GLY D 16 23.16 17.78 3.54
N SER D 17 22.33 18.72 3.99
CA SER D 17 20.91 18.66 3.71
C SER D 17 20.32 20.02 3.32
N LEU D 18 19.18 19.99 2.65
CA LEU D 18 18.48 21.19 2.23
C LEU D 18 16.97 21.05 2.42
N ARG D 19 16.26 22.17 2.48
CA ARG D 19 14.81 22.13 2.48
C ARG D 19 14.26 23.13 1.46
N LEU D 20 13.52 22.62 0.49
CA LEU D 20 12.97 23.45 -0.57
C LEU D 20 11.52 23.78 -0.30
N SER D 21 11.12 24.98 -0.69
CA SER D 21 9.74 25.43 -0.47
C SER D 21 9.06 25.76 -1.79
N CYS D 22 7.75 25.56 -1.84
CA CYS D 22 6.95 25.96 -2.98
C CYS D 22 5.71 26.69 -2.50
N ALA D 23 5.61 27.97 -2.84
CA ALA D 23 4.46 28.78 -2.43
C ALA D 23 3.39 28.78 -3.52
N ALA D 24 2.18 28.38 -3.15
CA ALA D 24 1.08 28.27 -4.10
C ALA D 24 0.12 29.44 -3.95
N SER D 25 -0.26 30.03 -5.08
CA SER D 25 -1.17 31.17 -5.08
C SER D 25 -2.18 31.05 -6.20
N GLY D 26 -3.41 31.50 -5.96
CA GLY D 26 -4.42 31.59 -7.00
C GLY D 26 -5.36 30.40 -7.13
N PHE D 27 -4.95 29.25 -6.59
CA PHE D 27 -5.79 28.05 -6.63
C PHE D 27 -5.87 27.41 -5.26
N SER D 28 -6.81 26.48 -5.09
CA SER D 28 -6.95 25.80 -3.82
C SER D 28 -5.85 24.75 -3.68
N PHE D 29 -5.01 24.93 -2.68
CA PHE D 29 -3.81 24.11 -2.53
C PHE D 29 -4.16 22.70 -2.10
N GLY D 30 -5.04 22.58 -1.11
CA GLY D 30 -5.34 21.31 -0.49
C GLY D 30 -6.21 20.36 -1.27
N SER D 31 -6.69 20.81 -2.44
CA SER D 31 -7.54 19.96 -3.27
C SER D 31 -6.74 19.15 -4.29
N TYR D 32 -5.45 19.46 -4.42
CA TYR D 32 -4.60 18.81 -5.41
C TYR D 32 -3.32 18.25 -4.81
N GLY D 33 -2.97 17.02 -5.20
CA GLY D 33 -1.68 16.46 -4.85
C GLY D 33 -0.59 17.29 -5.50
N MET D 34 0.62 17.23 -4.94
CA MET D 34 1.72 18.02 -5.49
C MET D 34 2.95 17.17 -5.76
N HIS D 35 3.72 17.56 -6.78
CA HIS D 35 4.90 16.81 -7.18
C HIS D 35 6.16 17.65 -7.09
N TRP D 36 7.29 16.96 -6.96
CA TRP D 36 8.59 17.54 -7.23
C TRP D 36 9.20 16.83 -8.43
N VAL D 37 9.61 17.62 -9.42
CA VAL D 37 10.27 17.12 -10.62
C VAL D 37 11.61 17.85 -10.75
N ARG D 38 12.61 17.21 -11.34
CA ARG D 38 13.91 17.88 -11.45
C ARG D 38 14.57 17.72 -12.82
N GLN D 39 15.36 18.72 -13.18
CA GLN D 39 16.14 18.68 -14.40
C GLN D 39 17.62 18.83 -14.09
N ALA D 40 18.38 17.75 -14.30
CA ALA D 40 19.83 17.77 -14.08
C ALA D 40 20.51 18.44 -15.26
N PRO D 41 21.69 19.06 -15.02
CA PRO D 41 22.39 19.73 -16.12
C PRO D 41 22.81 18.76 -17.22
N GLY D 42 22.50 19.10 -18.47
CA GLY D 42 22.85 18.25 -19.60
C GLY D 42 21.88 17.09 -19.78
N LYS D 43 20.80 17.10 -19.00
CA LYS D 43 19.80 16.05 -19.07
C LYS D 43 18.40 16.63 -19.12
N GLY D 44 17.40 15.76 -19.08
CA GLY D 44 16.01 16.18 -19.13
C GLY D 44 15.33 16.11 -17.79
N LEU D 45 13.99 16.03 -17.82
CA LEU D 45 13.20 15.99 -16.61
C LEU D 45 13.22 14.62 -15.97
N GLU D 46 13.19 14.57 -14.65
CA GLU D 46 13.00 13.33 -13.92
C GLU D 46 12.06 13.57 -12.76
N TRP D 47 11.04 12.72 -12.64
CA TRP D 47 10.08 12.85 -11.55
C TRP D 47 10.72 12.45 -10.23
N VAL D 48 10.59 13.32 -9.22
CA VAL D 48 11.19 13.08 -7.92
C VAL D 48 10.20 12.51 -6.91
N ALA D 49 9.16 13.27 -6.57
CA ALA D 49 8.24 12.82 -5.52
C ALA D 49 6.81 13.31 -5.69
N VAL D 50 5.87 12.67 -4.98
CA VAL D 50 4.48 13.10 -4.97
C VAL D 50 3.89 12.99 -3.57
N ILE D 51 3.01 13.94 -3.23
CA ILE D 51 2.29 13.89 -1.97
C ILE D 51 0.80 14.14 -2.23
N SER D 52 -0.06 13.43 -1.51
CA SER D 52 -1.50 13.51 -1.69
C SER D 52 -2.06 14.86 -1.27
N TYR D 53 -3.27 15.16 -1.74
CA TYR D 53 -3.90 16.46 -1.49
C TYR D 53 -4.00 16.81 -0.01
N GLY D 54 -4.15 15.79 0.84
CA GLY D 54 -4.26 15.99 2.27
C GLY D 54 -2.96 15.74 3.01
N GLY D 55 -1.91 15.41 2.28
CA GLY D 55 -0.60 15.20 2.86
C GLY D 55 -0.39 13.83 3.49
N GLY D 56 -1.43 13.01 3.47
CA GLY D 56 -1.38 11.69 4.08
C GLY D 56 -0.43 10.71 3.42
N ASN D 57 -0.51 10.59 2.10
CA ASN D 57 0.29 9.61 1.38
C ASN D 57 1.34 10.26 0.47
N LYS D 58 2.52 9.65 0.43
CA LYS D 58 3.62 10.16 -0.37
C LYS D 58 4.37 9.02 -1.07
N TYR D 59 4.71 9.24 -2.34
CA TYR D 59 5.53 8.29 -3.09
C TYR D 59 6.82 8.95 -3.55
N TYR D 60 7.88 8.17 -3.62
CA TYR D 60 9.18 8.68 -4.01
C TYR D 60 9.78 7.88 -5.17
N ALA D 61 10.67 8.52 -5.92
CA ALA D 61 11.48 7.84 -6.91
C ALA D 61 12.51 6.96 -6.19
N ASP D 62 12.82 5.80 -6.76
CA ASP D 62 13.75 4.85 -6.15
C ASP D 62 15.10 5.50 -5.84
N SER D 63 15.45 6.51 -6.62
CA SER D 63 16.70 7.23 -6.46
C SER D 63 16.77 7.98 -5.13
N VAL D 64 15.65 8.59 -4.75
CA VAL D 64 15.60 9.50 -3.62
C VAL D 64 15.09 8.91 -2.30
N LYS D 65 14.67 7.64 -2.30
CA LYS D 65 13.97 7.07 -1.14
C LYS D 65 14.81 7.04 0.13
N GLY D 66 14.26 7.64 1.18
CA GLY D 66 14.89 7.71 2.48
C GLY D 66 15.78 8.92 2.63
N ARG D 67 16.28 9.42 1.49
CA ARG D 67 17.03 10.67 1.47
C ARG D 67 16.07 11.86 1.39
N PHE D 68 15.07 11.74 0.53
CA PHE D 68 14.12 12.82 0.31
C PHE D 68 12.81 12.54 1.04
N THR D 69 12.25 13.57 1.65
CA THR D 69 10.97 13.47 2.34
C THR D 69 10.08 14.64 1.95
N ILE D 70 8.94 14.35 1.35
CA ILE D 70 8.05 15.39 0.89
C ILE D 70 6.94 15.66 1.93
N SER D 71 6.66 16.94 2.17
CA SER D 71 5.65 17.33 3.14
C SER D 71 4.89 18.54 2.62
N ARG D 72 3.79 18.90 3.26
CA ARG D 72 3.06 20.08 2.86
C ARG D 72 2.29 20.72 4.01
N ASP D 73 2.16 22.05 3.93
CA ASP D 73 1.30 22.79 4.85
C ASP D 73 0.15 23.42 4.06
N ASN D 74 -1.05 22.88 4.25
CA ASN D 74 -2.22 23.37 3.51
C ASN D 74 -2.78 24.64 4.13
N SER D 75 -2.32 24.96 5.33
CA SER D 75 -2.68 26.21 5.99
C SER D 75 -1.85 27.37 5.44
N LYS D 76 -0.57 27.12 5.24
CA LYS D 76 0.34 28.11 4.66
C LYS D 76 0.35 28.03 3.13
N ASN D 77 -0.36 27.04 2.60
CA ASN D 77 -0.42 26.78 1.17
C ASN D 77 0.97 26.58 0.56
N THR D 78 1.82 25.83 1.25
CA THR D 78 3.17 25.59 0.76
C THR D 78 3.53 24.11 0.71
N LEU D 79 4.47 23.79 -0.17
CA LEU D 79 5.00 22.43 -0.30
C LEU D 79 6.45 22.42 0.16
N TYR D 80 6.88 21.32 0.74
CA TYR D 80 8.25 21.21 1.24
C TYR D 80 8.94 19.95 0.74
N LEU D 81 10.19 20.08 0.33
CA LEU D 81 11.03 18.93 0.02
C LEU D 81 12.27 18.91 0.90
N GLN D 82 12.36 17.92 1.78
CA GLN D 82 13.53 17.77 2.63
C GLN D 82 14.52 16.81 1.99
N MET D 83 15.67 17.35 1.59
CA MET D 83 16.71 16.58 0.93
C MET D 83 17.84 16.27 1.91
N ASN D 84 17.97 15.01 2.28
CA ASN D 84 18.99 14.59 3.24
C ASN D 84 20.03 13.67 2.61
N SER D 85 21.22 13.64 3.18
CA SER D 85 22.33 12.84 2.66
C SER D 85 22.58 13.15 1.19
N LEU D 86 22.73 14.44 0.89
CA LEU D 86 22.85 14.92 -0.49
C LEU D 86 24.06 14.38 -1.23
N ARG D 87 23.87 14.12 -2.51
CA ARG D 87 24.94 13.59 -3.36
C ARG D 87 25.15 14.50 -4.56
N ALA D 88 26.29 14.34 -5.22
CA ALA D 88 26.62 15.15 -6.39
C ALA D 88 25.67 14.87 -7.55
N GLU D 89 25.04 13.70 -7.54
CA GLU D 89 24.08 13.32 -8.57
C GLU D 89 22.73 14.01 -8.37
N ASP D 90 22.54 14.58 -7.20
CA ASP D 90 21.30 15.29 -6.88
C ASP D 90 21.35 16.76 -7.34
N THR D 91 22.48 17.14 -7.93
CA THR D 91 22.61 18.48 -8.49
C THR D 91 21.63 18.63 -9.66
N ALA D 92 20.75 19.62 -9.56
CA ALA D 92 19.68 19.79 -10.53
C ALA D 92 18.83 21.02 -10.23
N VAL D 93 17.94 21.36 -11.15
CA VAL D 93 16.95 22.39 -10.93
C VAL D 93 15.66 21.72 -10.50
N TYR D 94 15.05 22.22 -9.43
CA TYR D 94 13.85 21.58 -8.89
C TYR D 94 12.61 22.43 -9.12
N TYR D 95 11.58 21.78 -9.68
CA TYR D 95 10.29 22.41 -9.91
C TYR D 95 9.23 21.71 -9.07
N CYS D 96 8.36 22.50 -8.44
CA CYS D 96 7.15 21.96 -7.84
C CYS D 96 6.05 22.02 -8.88
N ALA D 97 5.35 20.91 -9.08
CA ALA D 97 4.28 20.86 -10.05
C ALA D 97 2.97 20.50 -9.37
N LYS D 98 1.87 20.91 -9.97
CA LYS D 98 0.55 20.63 -9.39
C LYS D 98 -0.18 19.54 -10.15
N ASP D 99 -0.64 18.52 -9.43
CA ASP D 99 -1.43 17.47 -10.04
C ASP D 99 -2.80 18.03 -10.42
N ALA D 100 -3.30 17.63 -11.60
CA ALA D 100 -4.57 18.13 -12.10
C ALA D 100 -5.72 17.74 -11.18
N ARG D 101 -5.53 16.69 -10.41
CA ARG D 101 -6.56 16.21 -9.48
C ARG D 101 -5.99 15.32 -8.39
N ASP D 102 -6.88 14.68 -7.65
CA ASP D 102 -6.55 14.05 -6.36
C ASP D 102 -6.17 12.58 -6.35
N CYS D 103 -6.15 11.91 -7.50
CA CYS D 103 -5.84 10.48 -7.46
C CYS D 103 -4.33 10.27 -7.46
N LEU D 104 -3.84 9.67 -6.38
CA LEU D 104 -2.42 9.44 -6.20
C LEU D 104 -1.97 8.29 -7.08
N LEU D 105 -2.55 7.12 -6.87
CA LEU D 105 -2.23 6.02 -7.76
C LEU D 105 -3.33 5.94 -8.80
N CYS D 106 -2.95 6.40 -10.00
CA CYS D 106 -3.78 6.47 -11.18
C CYS D 106 -2.80 6.54 -12.36
N ALA D 107 -3.25 6.16 -13.55
CA ALA D 107 -2.33 6.11 -14.70
C ALA D 107 -2.40 7.38 -15.55
N ASP D 108 -3.28 8.30 -15.17
CA ASP D 108 -3.54 9.51 -15.95
C ASP D 108 -2.75 10.75 -15.52
N TRP D 109 -1.77 10.59 -14.65
CA TRP D 109 -1.02 11.72 -14.07
C TRP D 109 -0.56 12.74 -15.11
N HIS D 110 -0.89 14.01 -14.87
CA HIS D 110 -0.28 15.11 -15.62
C HIS D 110 -0.28 16.38 -14.78
N PHE D 111 0.75 17.20 -14.95
CA PHE D 111 0.95 18.39 -14.13
C PHE D 111 0.63 19.66 -14.93
N ASP D 112 -0.46 20.34 -14.57
CA ASP D 112 -0.90 21.50 -15.34
C ASP D 112 -0.40 22.84 -14.80
N LEU D 113 0.40 22.81 -13.73
CA LEU D 113 1.00 24.03 -13.21
C LEU D 113 2.41 23.79 -12.71
N TRP D 114 3.33 24.70 -13.07
CA TRP D 114 4.73 24.59 -12.70
C TRP D 114 5.22 25.90 -12.09
N GLY D 115 6.36 25.84 -11.41
CA GLY D 115 6.91 27.02 -10.76
C GLY D 115 8.08 27.62 -11.51
N ARG D 116 8.73 28.61 -10.90
CA ARG D 116 9.90 29.23 -11.51
C ARG D 116 11.09 28.27 -11.48
N GLY D 117 11.08 27.36 -10.51
CA GLY D 117 12.16 26.42 -10.33
C GLY D 117 13.25 27.02 -9.47
N THR D 118 13.96 26.19 -8.72
CA THR D 118 15.06 26.69 -7.91
C THR D 118 16.31 25.83 -8.14
N LEU D 119 17.48 26.46 -8.08
CA LEU D 119 18.70 25.79 -8.47
C LEU D 119 19.41 25.16 -7.27
N VAL D 120 19.45 23.84 -7.25
CA VAL D 120 20.20 23.11 -6.22
C VAL D 120 21.46 22.51 -6.83
N THR D 121 22.61 22.93 -6.32
CA THR D 121 23.88 22.42 -6.81
C THR D 121 24.68 21.78 -5.67
N VAL D 122 25.30 20.64 -5.95
CA VAL D 122 26.11 19.93 -4.97
C VAL D 122 27.51 19.67 -5.55
N SER D 123 28.51 20.34 -5.00
CA SER D 123 29.86 20.22 -5.54
C SER D 123 30.79 19.59 -4.53
N SER D 124 31.85 18.94 -5.05
CA SER D 124 32.89 18.29 -4.27
C SER D 124 33.25 19.03 -2.98
N SER E 15 21.30 5.45 -15.91
CA SER E 15 20.27 6.00 -16.78
C SER E 15 18.92 5.33 -16.53
N ASN E 16 18.00 6.08 -15.93
CA ASN E 16 16.65 5.56 -15.72
C ASN E 16 15.96 5.37 -17.06
N PHE E 17 15.00 4.46 -17.10
CA PHE E 17 14.25 4.22 -18.33
C PHE E 17 13.51 5.48 -18.75
N MET E 18 13.55 5.76 -20.05
CA MET E 18 12.91 6.95 -20.61
C MET E 18 12.25 6.64 -21.94
N LEU E 19 11.17 7.35 -22.26
CA LEU E 19 10.59 7.29 -23.59
C LEU E 19 11.57 7.94 -24.55
N THR E 20 11.63 7.44 -25.78
CA THR E 20 12.66 7.87 -26.72
C THR E 20 12.15 8.89 -27.72
N GLN E 21 12.73 10.09 -27.68
CA GLN E 21 12.42 11.15 -28.64
C GLN E 21 13.69 11.50 -29.42
N PRO E 22 13.52 12.07 -30.63
CA PRO E 22 14.67 12.56 -31.40
C PRO E 22 15.47 13.61 -30.61
N HIS E 23 16.77 13.73 -30.87
CA HIS E 23 17.61 14.67 -30.13
C HIS E 23 17.25 16.11 -30.49
N SER E 24 16.77 16.31 -31.71
CA SER E 24 16.38 17.65 -32.16
C SER E 24 15.38 17.66 -33.32
N ALA E 25 14.69 18.78 -33.47
CA ALA E 25 13.79 19.01 -34.60
C ALA E 25 13.93 20.45 -35.07
N SER E 26 13.71 20.68 -36.36
CA SER E 26 13.89 22.00 -36.94
C SER E 26 12.64 22.44 -37.70
N GLY E 27 12.48 23.74 -37.89
CA GLY E 27 11.33 24.25 -38.61
C GLY E 27 11.46 25.67 -39.13
N THR E 28 10.51 26.04 -39.99
CA THR E 28 10.46 27.38 -40.55
C THR E 28 9.19 28.08 -40.08
N PRO E 29 9.25 29.41 -39.89
CA PRO E 29 8.12 30.16 -39.34
C PRO E 29 6.86 30.04 -40.20
N GLY E 30 5.71 29.84 -39.54
CA GLY E 30 4.45 29.75 -40.26
C GLY E 30 4.25 28.40 -40.93
N GLN E 31 5.14 27.47 -40.63
CA GLN E 31 5.03 26.12 -41.17
C GLN E 31 4.85 25.11 -40.04
N ARG E 32 4.84 23.83 -40.39
CA ARG E 32 4.53 22.78 -39.41
C ARG E 32 5.69 21.82 -39.17
N VAL E 33 5.88 21.46 -37.90
CA VAL E 33 6.93 20.55 -37.47
C VAL E 33 6.35 19.45 -36.59
N THR E 34 6.87 18.23 -36.71
CA THR E 34 6.41 17.14 -35.87
C THR E 34 7.51 16.67 -34.92
N ILE E 35 7.13 16.40 -33.68
CA ILE E 35 8.04 15.85 -32.67
C ILE E 35 7.55 14.45 -32.27
N SER E 36 8.44 13.48 -32.35
CA SER E 36 8.06 12.09 -32.13
C SER E 36 8.37 11.63 -30.71
N CYS E 37 7.50 10.79 -30.17
CA CYS E 37 7.74 10.14 -28.90
C CYS E 37 7.54 8.64 -29.06
N SER E 38 8.61 7.88 -28.91
CA SER E 38 8.53 6.44 -29.06
C SER E 38 8.57 5.75 -27.69
N GLY E 39 7.81 4.67 -27.57
CA GLY E 39 7.66 3.97 -26.31
C GLY E 39 7.26 2.53 -26.57
N SER E 40 6.90 1.83 -25.51
CA SER E 40 6.48 0.44 -25.61
C SER E 40 5.17 0.23 -24.89
N SER E 41 4.59 -0.95 -25.07
CA SER E 41 3.44 -1.37 -24.27
C SER E 41 3.80 -1.31 -22.80
N SER E 42 2.79 -1.08 -21.96
CA SER E 42 2.89 -0.84 -20.51
C SER E 42 3.12 0.64 -20.18
N ASN E 43 3.43 1.45 -21.18
CA ASN E 43 3.33 2.90 -21.02
C ASN E 43 2.42 3.48 -22.11
N ILE E 44 2.91 3.51 -23.34
CA ILE E 44 2.06 3.85 -24.49
C ILE E 44 1.47 2.56 -25.06
N GLY E 45 0.20 2.60 -25.44
CA GLY E 45 -0.51 1.41 -25.87
C GLY E 45 -1.17 0.74 -24.67
N SER E 46 -0.96 1.37 -23.52
CA SER E 46 -1.61 1.00 -22.27
C SER E 46 -2.25 2.25 -21.68
N ASN E 47 -1.41 3.24 -21.41
CA ASN E 47 -1.82 4.47 -20.73
C ASN E 47 -1.67 5.69 -21.64
N THR E 48 -2.36 6.77 -21.30
CA THR E 48 -2.36 7.98 -22.11
C THR E 48 -1.01 8.68 -22.13
N VAL E 49 -0.78 9.51 -23.13
CA VAL E 49 0.48 10.21 -23.31
C VAL E 49 0.29 11.73 -23.20
N ASN E 50 1.22 12.37 -22.50
CA ASN E 50 1.18 13.81 -22.26
C ASN E 50 2.36 14.51 -22.92
N TRP E 51 2.18 15.81 -23.17
CA TRP E 51 3.20 16.62 -23.80
C TRP E 51 3.46 17.90 -23.02
N TYR E 52 4.72 18.13 -22.68
CA TYR E 52 5.13 19.36 -22.02
C TYR E 52 6.16 20.10 -22.86
N ARG E 53 6.21 21.43 -22.70
CA ARG E 53 7.28 22.20 -23.31
C ARG E 53 8.02 22.98 -22.23
N HIS E 54 9.33 22.91 -22.28
CA HIS E 54 10.18 23.61 -21.33
C HIS E 54 10.97 24.70 -22.05
N LEU E 55 10.58 25.94 -21.77
CA LEU E 55 11.32 27.12 -22.21
C LEU E 55 12.47 27.33 -21.23
N PRO E 56 13.72 27.17 -21.70
CA PRO E 56 14.87 27.20 -20.78
C PRO E 56 14.95 28.48 -19.97
N GLY E 57 15.09 28.33 -18.65
CA GLY E 57 15.12 29.48 -17.75
C GLY E 57 13.80 29.73 -17.05
N SER E 58 12.71 29.19 -17.60
CA SER E 58 11.37 29.45 -17.06
C SER E 58 10.60 28.18 -16.71
N ALA E 59 9.35 28.38 -16.34
CA ALA E 59 8.45 27.29 -15.99
C ALA E 59 8.14 26.41 -17.20
N PRO E 60 8.29 25.09 -17.05
CA PRO E 60 7.77 24.16 -18.06
C PRO E 60 6.27 24.29 -18.17
N GLU E 61 5.73 24.05 -19.36
CA GLU E 61 4.30 24.20 -19.58
C GLU E 61 3.65 22.90 -20.00
N LEU E 62 2.39 22.75 -19.61
CA LEU E 62 1.61 21.62 -20.06
C LEU E 62 1.07 21.95 -21.43
N LEU E 63 1.42 21.13 -22.42
CA LEU E 63 0.90 21.33 -23.76
C LEU E 63 -0.34 20.48 -23.94
N ILE E 64 -0.15 19.18 -23.82
CA ILE E 64 -1.25 18.23 -24.00
C ILE E 64 -1.33 17.26 -22.82
N GLY E 65 -2.54 16.90 -22.41
CA GLY E 65 -2.68 15.60 -21.78
C GLY E 65 -4.08 15.06 -21.65
N SER E 66 -4.17 13.75 -21.75
CA SER E 66 -5.39 12.97 -21.50
C SER E 66 -6.71 13.54 -22.00
N HIS E 67 -7.00 13.53 -23.30
CA HIS E 67 -6.06 13.31 -24.39
C HIS E 67 -5.40 14.62 -24.76
N ASN E 68 -6.16 15.71 -24.61
CA ASN E 68 -5.77 17.05 -25.04
C ASN E 68 -6.90 18.05 -24.80
N GLN E 69 -6.63 19.36 -24.92
CA GLN E 69 -5.36 19.98 -24.71
C GLN E 69 -5.59 21.23 -23.89
N ARG E 70 -5.33 21.16 -22.61
CA ARG E 70 -5.13 22.36 -21.77
C ARG E 70 -6.31 23.36 -21.81
N PRO E 71 -6.35 24.32 -20.87
CA PRO E 71 -6.92 25.61 -21.26
C PRO E 71 -5.81 26.56 -21.64
N SER E 72 -6.12 27.82 -21.89
CA SER E 72 -5.09 28.84 -22.08
C SER E 72 -4.26 28.55 -23.31
N GLY E 73 -2.95 28.35 -23.17
CA GLY E 73 -2.22 28.12 -24.39
C GLY E 73 -2.75 26.81 -24.88
N VAL E 74 -3.67 26.97 -25.83
CA VAL E 74 -4.24 25.89 -26.61
C VAL E 74 -4.46 26.42 -28.01
N PRO E 75 -3.45 26.94 -28.63
CA PRO E 75 -3.69 27.61 -29.90
C PRO E 75 -4.31 26.75 -30.97
N ASP E 76 -4.58 25.52 -30.59
CA ASP E 76 -4.57 24.37 -31.43
C ASP E 76 -3.10 24.30 -31.80
N ARG E 77 -2.78 24.22 -33.07
CA ARG E 77 -1.41 24.35 -33.46
C ARG E 77 -0.58 23.23 -32.91
N PHE E 78 -1.12 22.62 -31.90
CA PHE E 78 -0.52 21.58 -31.13
C PHE E 78 -1.49 20.43 -31.22
N SER E 79 -1.12 19.35 -31.88
CA SER E 79 -2.03 18.23 -32.05
C SER E 79 -1.42 16.99 -31.44
N ALA E 80 -2.18 16.30 -30.60
CA ALA E 80 -1.71 15.07 -29.99
C ALA E 80 -2.24 13.88 -30.77
N SER E 81 -1.33 13.01 -31.20
CA SER E 81 -1.70 11.81 -31.92
C SER E 81 -1.05 10.60 -31.26
N LYS E 82 -1.76 9.48 -31.22
CA LYS E 82 -1.20 8.27 -30.66
C LYS E 82 -1.63 7.02 -31.41
N SER E 83 -0.66 6.20 -31.78
CA SER E 83 -0.93 4.87 -32.33
C SER E 83 -0.12 3.82 -31.59
N ASP E 84 -0.80 2.99 -30.82
CA ASP E 84 -0.17 1.88 -30.10
C ASP E 84 1.03 2.33 -29.28
N THR E 85 2.22 1.85 -29.66
CA THR E 85 3.45 2.12 -28.93
C THR E 85 4.15 3.43 -29.34
N SER E 86 3.65 4.09 -30.38
CA SER E 86 4.27 5.33 -30.85
C SER E 86 3.30 6.50 -30.81
N ALA E 87 3.73 7.62 -30.23
CA ALA E 87 2.92 8.82 -30.16
C ALA E 87 3.65 10.00 -30.80
N SER E 88 2.90 11.04 -31.18
CA SER E 88 3.48 12.18 -31.87
C SER E 88 2.75 13.48 -31.58
N LEU E 89 3.52 14.57 -31.50
CA LEU E 89 2.99 15.91 -31.29
C LEU E 89 3.23 16.77 -32.53
N ALA E 90 2.19 17.45 -33.00
CA ALA E 90 2.31 18.28 -34.19
C ALA E 90 2.20 19.76 -33.86
N ILE E 91 3.21 20.54 -34.23
CA ILE E 91 3.20 21.98 -34.01
C ILE E 91 2.99 22.72 -35.33
N SER E 92 1.97 23.56 -35.38
CA SER E 92 1.64 24.27 -36.61
C SER E 92 1.74 25.78 -36.41
N GLY E 93 1.90 26.51 -37.52
CA GLY E 93 2.04 27.96 -37.47
C GLY E 93 3.18 28.33 -36.57
N LEU E 94 4.36 27.80 -36.86
CA LEU E 94 5.54 27.98 -36.01
C LEU E 94 5.91 29.43 -35.79
N GLN E 95 6.41 29.71 -34.60
CA GLN E 95 6.91 31.03 -34.26
C GLN E 95 8.32 30.91 -33.68
N SER E 96 9.09 31.98 -33.78
CA SER E 96 10.44 32.00 -33.22
C SER E 96 10.41 31.69 -31.72
N GLU E 97 9.30 32.05 -31.08
CA GLU E 97 9.12 31.84 -29.65
C GLU E 97 8.80 30.39 -29.31
N ASP E 98 8.59 29.58 -30.34
CA ASP E 98 8.21 28.17 -30.12
C ASP E 98 9.39 27.28 -29.82
N GLU E 99 10.61 27.79 -29.97
CA GLU E 99 11.76 26.91 -29.82
C GLU E 99 12.11 26.75 -28.34
N ALA E 100 11.95 25.51 -27.88
CA ALA E 100 12.11 25.13 -26.49
C ALA E 100 12.34 23.63 -26.46
N ASP E 101 12.78 23.09 -25.33
CA ASP E 101 12.86 21.65 -25.23
C ASP E 101 11.43 21.10 -25.17
N TYR E 102 11.15 19.98 -25.85
CA TYR E 102 9.83 19.39 -25.82
C TYR E 102 9.87 17.97 -25.28
N TYR E 103 9.08 17.71 -24.24
CA TYR E 103 9.04 16.40 -23.61
C TYR E 103 7.70 15.71 -23.79
N CYS E 104 7.74 14.38 -23.85
CA CYS E 104 6.55 13.57 -23.74
C CYS E 104 6.65 12.79 -22.45
N ALA E 105 5.51 12.40 -21.90
CA ALA E 105 5.52 11.62 -20.67
C ALA E 105 4.36 10.65 -20.64
N ALA E 106 4.56 9.49 -20.02
CA ALA E 106 3.48 8.53 -19.88
C ALA E 106 3.69 7.68 -18.65
N TRP E 107 2.58 7.26 -18.04
CA TRP E 107 2.65 6.37 -16.89
C TRP E 107 3.01 4.97 -17.35
N ASP E 108 4.10 4.44 -16.81
CA ASP E 108 4.46 3.06 -17.08
C ASP E 108 3.87 2.14 -16.02
N ASP E 109 3.39 1.01 -16.52
CA ASP E 109 2.59 0.03 -15.80
C ASP E 109 3.33 -0.95 -14.94
N SER E 110 4.49 -1.40 -15.41
CA SER E 110 5.56 -1.75 -14.48
C SER E 110 6.94 -1.51 -15.06
N LEU E 111 7.79 -0.69 -14.46
CA LEU E 111 7.67 -0.06 -13.14
C LEU E 111 6.42 0.76 -12.93
N ILE E 112 5.93 0.88 -11.73
CA ILE E 112 4.72 1.60 -11.58
C ILE E 112 5.17 2.99 -11.35
N GLY E 113 4.97 3.85 -12.34
CA GLY E 113 5.52 5.19 -12.19
C GLY E 113 5.35 6.10 -13.38
N TYR E 114 5.91 7.31 -13.29
CA TYR E 114 5.74 8.31 -14.34
C TYR E 114 7.02 8.49 -15.14
N VAL E 115 6.96 8.18 -16.43
CA VAL E 115 8.14 8.16 -17.28
C VAL E 115 8.20 9.37 -18.22
N PHE E 116 9.36 10.02 -18.24
CA PHE E 116 9.58 11.18 -19.11
C PHE E 116 10.39 10.82 -20.36
N GLY E 117 10.10 11.49 -21.46
CA GLY E 117 10.87 11.33 -22.67
C GLY E 117 12.29 11.86 -22.50
N THR E 118 13.16 11.54 -23.47
CA THR E 118 14.54 11.99 -23.43
C THR E 118 14.62 13.49 -23.70
N GLY E 119 13.59 14.02 -24.35
CA GLY E 119 13.51 15.43 -24.66
C GLY E 119 13.95 15.75 -26.08
N THR E 120 13.30 16.75 -26.68
CA THR E 120 13.60 17.16 -28.04
C THR E 120 13.66 18.66 -28.13
N LYS E 121 14.83 19.18 -28.53
CA LYS E 121 14.98 20.61 -28.72
C LYS E 121 14.52 21.02 -30.11
N LEU E 122 13.58 21.96 -30.14
CA LEU E 122 13.08 22.50 -31.39
C LEU E 122 13.85 23.77 -31.73
N THR E 123 14.18 23.95 -33.00
CA THR E 123 14.81 25.18 -33.46
C THR E 123 14.02 25.76 -34.64
N VAL E 124 13.66 27.03 -34.51
CA VAL E 124 12.96 27.72 -35.59
C VAL E 124 13.97 28.49 -36.42
N LEU E 125 13.94 28.28 -37.73
CA LEU E 125 14.91 28.88 -38.64
C LEU E 125 14.48 30.26 -39.11
N GLY E 126 13.30 30.52 -39.34
#